data_8R20
#
_entry.id   8R20
#
_cell.length_a   48.975
_cell.length_b   52.751
_cell.length_c   108.162
_cell.angle_alpha   90.00
_cell.angle_beta   90.00
_cell.angle_gamma   90.00
#
_symmetry.space_group_name_H-M   'P 21 21 21'
#
loop_
_entity.id
_entity.type
_entity.pdbx_description
1 polymer Hydroxylase
2 non-polymer GLYCEROL
3 water water
#
_entity_poly.entity_id   1
_entity_poly.type   'polypeptide(L)'
_entity_poly.pdbx_seq_one_letter_code
;MSLTENAERSLTDDRTLAENKERCLQMVAAWNRWELDGIIKYWAPDVVHYSEDKVVDTDEMIRRMEGGIQAFPDLHLDVK
SIMAEEDRVILRITITATHKGRFGDLAPTNRKVAWHIVEELRFVDGKVVEHWDVMNYLPMLKELGKVPADV
;
_entity_poly.pdbx_strand_id   A,B
#
# COMPACT_ATOMS: atom_id res chain seq x y z
N ASP A 13 17.82 -6.99 -20.17
CA ASP A 13 17.19 -6.50 -18.91
C ASP A 13 15.69 -6.32 -19.14
N ASP A 14 15.29 -5.79 -20.30
CA ASP A 14 13.86 -5.61 -20.71
C ASP A 14 13.16 -6.98 -20.71
N ARG A 15 13.91 -8.03 -21.04
CA ARG A 15 13.40 -9.42 -21.09
C ARG A 15 13.16 -9.92 -19.66
N THR A 16 14.06 -9.63 -18.73
CA THR A 16 13.89 -9.97 -17.30
C THR A 16 12.62 -9.29 -16.74
N LEU A 17 12.41 -8.01 -17.03
CA LEU A 17 11.24 -7.27 -16.50
C LEU A 17 9.98 -8.00 -16.95
N ALA A 18 9.93 -8.42 -18.23
CA ALA A 18 8.75 -9.00 -18.90
C ALA A 18 8.45 -10.37 -18.32
N GLU A 19 9.49 -11.19 -18.11
CA GLU A 19 9.36 -12.54 -17.52
C GLU A 19 8.97 -12.42 -16.04
N ASN A 20 9.51 -11.45 -15.28
CA ASN A 20 9.18 -11.32 -13.84
C ASN A 20 7.71 -10.89 -13.71
N LYS A 21 7.25 -9.96 -14.56
CA LYS A 21 5.82 -9.52 -14.55
C LYS A 21 4.91 -10.74 -14.75
N GLU A 22 5.24 -11.62 -15.70
CA GLU A 22 4.38 -12.76 -16.09
C GLU A 22 4.29 -13.73 -14.92
N ARG A 23 5.40 -13.96 -14.23
CA ARG A 23 5.43 -14.82 -13.03
C ARG A 23 4.45 -14.23 -12.01
N CYS A 24 4.41 -12.90 -11.86
CA CYS A 24 3.53 -12.29 -10.84
C CYS A 24 2.07 -12.47 -11.28
N LEU A 25 1.79 -12.32 -12.57
CA LEU A 25 0.40 -12.49 -13.06
C LEU A 25 -0.03 -13.95 -12.94
N GLN A 26 0.88 -14.90 -13.09
CA GLN A 26 0.59 -16.34 -12.86
C GLN A 26 0.27 -16.56 -11.38
N MET A 27 1.00 -15.91 -10.46
CA MET A 27 0.70 -16.03 -9.01
C MET A 27 -0.70 -15.45 -8.72
N VAL A 28 -1.04 -14.29 -9.28
CA VAL A 28 -2.37 -13.66 -9.11
C VAL A 28 -3.44 -14.64 -9.61
N ALA A 29 -3.26 -15.26 -10.77
CA ALA A 29 -4.23 -16.26 -11.31
C ALA A 29 -4.37 -17.46 -10.36
N ALA A 30 -3.30 -17.89 -9.67
CA ALA A 30 -3.37 -19.01 -8.69
C ALA A 30 -4.22 -18.61 -7.48
N TRP A 31 -4.01 -17.40 -6.93
CA TRP A 31 -4.89 -16.82 -5.88
C TRP A 31 -6.34 -16.90 -6.36
N ASN A 32 -6.58 -16.46 -7.58
CA ASN A 32 -7.94 -16.31 -8.16
C ASN A 32 -8.62 -17.68 -8.35
N ARG A 33 -7.89 -18.80 -8.45
CA ARG A 33 -8.49 -20.15 -8.48
C ARG A 33 -8.34 -20.79 -7.10
N TRP A 34 -7.84 -20.03 -6.12
CA TRP A 34 -7.65 -20.45 -4.70
C TRP A 34 -6.74 -21.68 -4.61
N GLU A 35 -5.66 -21.73 -5.39
CA GLU A 35 -4.66 -22.85 -5.41
C GLU A 35 -3.29 -22.35 -4.94
N LEU A 36 -3.06 -22.34 -3.62
CA LEU A 36 -1.86 -21.68 -3.02
C LEU A 36 -0.58 -22.31 -3.58
N ASP A 37 -0.63 -23.55 -4.06
CA ASP A 37 0.51 -24.24 -4.71
C ASP A 37 1.00 -23.46 -5.94
N GLY A 38 0.09 -22.90 -6.72
CA GLY A 38 0.44 -22.08 -7.89
C GLY A 38 1.10 -20.76 -7.53
N ILE A 39 1.11 -20.37 -6.25
CA ILE A 39 1.82 -19.14 -5.79
C ILE A 39 3.19 -19.57 -5.29
N ILE A 40 3.18 -20.54 -4.38
CA ILE A 40 4.32 -20.95 -3.54
C ILE A 40 5.41 -21.56 -4.40
N LYS A 41 5.07 -22.13 -5.55
CA LYS A 41 6.07 -22.76 -6.45
C LYS A 41 6.97 -21.67 -7.04
N TYR A 42 6.56 -20.40 -7.07
CA TYR A 42 7.46 -19.31 -7.54
C TYR A 42 8.40 -18.83 -6.41
N TRP A 43 8.24 -19.29 -5.17
CA TRP A 43 9.07 -18.78 -4.04
C TRP A 43 10.36 -19.58 -3.94
N ALA A 44 11.49 -18.91 -3.72
CA ALA A 44 12.73 -19.57 -3.25
C ALA A 44 12.42 -20.30 -1.95
N PRO A 45 13.14 -21.39 -1.62
CA PRO A 45 12.98 -22.06 -0.33
C PRO A 45 13.31 -21.13 0.86
N ASP A 46 14.27 -20.23 0.69
CA ASP A 46 14.70 -19.25 1.73
C ASP A 46 14.11 -17.85 1.44
N VAL A 47 12.91 -17.78 0.87
CA VAL A 47 12.17 -16.50 0.65
C VAL A 47 11.96 -15.81 2.01
N VAL A 48 12.08 -14.50 2.05
CA VAL A 48 11.78 -13.66 3.25
C VAL A 48 10.57 -12.79 2.92
N HIS A 49 9.56 -12.91 3.78
CA HIS A 49 8.30 -12.13 3.75
C HIS A 49 8.38 -11.01 4.78
N TYR A 50 8.09 -9.77 4.36
CA TYR A 50 8.03 -8.56 5.21
C TYR A 50 6.61 -7.99 5.20
N SER A 51 6.10 -7.68 6.39
CA SER A 51 4.81 -7.01 6.66
C SER A 51 4.95 -6.00 7.82
N GLU A 52 4.53 -4.76 7.58
CA GLU A 52 4.74 -3.61 8.49
C GLU A 52 6.20 -3.58 9.00
N ASP A 53 7.17 -3.68 8.08
CA ASP A 53 8.62 -3.61 8.40
C ASP A 53 8.99 -4.68 9.44
N LYS A 54 8.33 -5.84 9.43
CA LYS A 54 8.61 -7.00 10.32
C LYS A 54 8.73 -8.28 9.47
N VAL A 55 9.76 -9.09 9.71
CA VAL A 55 9.94 -10.42 9.04
C VAL A 55 8.82 -11.33 9.50
N VAL A 56 8.08 -11.90 8.57
CA VAL A 56 7.04 -12.93 8.85
C VAL A 56 7.59 -14.28 8.39
N ASP A 57 7.62 -15.23 9.31
CA ASP A 57 8.06 -16.62 9.08
C ASP A 57 7.26 -17.14 7.88
N THR A 58 7.89 -17.86 6.96
CA THR A 58 7.27 -18.29 5.68
C THR A 58 6.06 -19.19 5.92
N ASP A 59 6.13 -20.16 6.83
CA ASP A 59 5.00 -21.11 7.08
C ASP A 59 3.85 -20.33 7.74
N GLU A 60 4.19 -19.36 8.58
CA GLU A 60 3.18 -18.44 9.16
C GLU A 60 2.47 -17.75 8.00
N MET A 61 3.23 -17.23 7.04
CA MET A 61 2.68 -16.42 5.91
C MET A 61 1.65 -17.29 5.20
N ILE A 62 1.96 -18.59 5.01
CA ILE A 62 0.99 -19.53 4.34
C ILE A 62 -0.25 -19.74 5.22
N ARG A 63 -0.11 -19.88 6.55
CA ARG A 63 -1.31 -20.11 7.40
C ARG A 63 -2.19 -18.86 7.26
N ARG A 64 -1.60 -17.68 7.15
CA ARG A 64 -2.34 -16.41 7.03
C ARG A 64 -3.15 -16.43 5.73
N MET A 65 -2.53 -16.89 4.65
CA MET A 65 -3.17 -16.98 3.32
C MET A 65 -4.33 -17.99 3.39
N GLU A 66 -4.13 -19.17 4.00
CA GLU A 66 -5.21 -20.17 4.19
C GLU A 66 -6.36 -19.57 4.99
N GLY A 67 -6.05 -18.82 6.06
CA GLY A 67 -7.06 -18.13 6.88
C GLY A 67 -7.92 -17.17 6.08
N GLY A 68 -7.31 -16.38 5.19
CA GLY A 68 -8.04 -15.43 4.34
C GLY A 68 -9.04 -16.12 3.45
N ILE A 69 -8.64 -17.22 2.80
CA ILE A 69 -9.49 -17.99 1.85
C ILE A 69 -10.65 -18.60 2.63
N GLN A 70 -10.43 -18.99 3.88
CA GLN A 70 -11.50 -19.67 4.67
C GLN A 70 -12.56 -18.62 5.01
N ALA A 71 -12.15 -17.42 5.41
CA ALA A 71 -13.07 -16.31 5.73
C ALA A 71 -13.74 -15.77 4.45
N PHE A 72 -13.00 -15.78 3.34
CA PHE A 72 -13.42 -15.16 2.06
C PHE A 72 -13.21 -16.13 0.90
N PRO A 73 -14.04 -17.18 0.76
CA PRO A 73 -13.75 -18.26 -0.19
C PRO A 73 -13.95 -17.91 -1.67
N ASP A 74 -14.61 -16.78 -1.99
CA ASP A 74 -14.77 -16.26 -3.37
C ASP A 74 -13.84 -15.04 -3.65
N LEU A 75 -12.75 -14.87 -2.92
CA LEU A 75 -11.96 -13.61 -3.04
C LEU A 75 -11.40 -13.52 -4.46
N HIS A 76 -11.34 -12.31 -4.98
CA HIS A 76 -10.85 -12.06 -6.35
C HIS A 76 -9.84 -10.91 -6.30
N LEU A 77 -8.67 -11.15 -6.91
CA LEU A 77 -7.59 -10.16 -7.05
C LEU A 77 -7.73 -9.47 -8.39
N ASP A 78 -7.99 -8.17 -8.36
CA ASP A 78 -8.07 -7.33 -9.59
C ASP A 78 -6.81 -6.44 -9.66
N VAL A 79 -5.95 -6.65 -10.65
CA VAL A 79 -4.66 -5.92 -10.74
C VAL A 79 -4.94 -4.58 -11.38
N LYS A 80 -4.72 -3.49 -10.65
CA LYS A 80 -5.01 -2.12 -11.09
C LYS A 80 -3.80 -1.58 -11.82
N SER A 81 -2.60 -1.99 -11.42
CA SER A 81 -1.32 -1.60 -12.07
C SER A 81 -0.20 -2.57 -11.67
N ILE A 82 0.74 -2.72 -12.59
CA ILE A 82 1.93 -3.57 -12.41
C ILE A 82 3.09 -2.77 -13.00
N MET A 83 4.23 -2.82 -12.33
CA MET A 83 5.45 -2.10 -12.75
C MET A 83 6.63 -3.01 -12.45
N ALA A 84 7.71 -2.87 -13.19
CA ALA A 84 8.95 -3.68 -13.00
C ALA A 84 10.17 -2.80 -13.27
N GLU A 85 11.19 -2.95 -12.45
CA GLU A 85 12.51 -2.32 -12.65
C GLU A 85 13.56 -3.27 -12.05
N GLU A 86 14.71 -3.42 -12.72
CA GLU A 86 15.82 -4.28 -12.23
C GLU A 86 15.24 -5.67 -11.98
N ASP A 87 15.42 -6.18 -10.76
CA ASP A 87 15.00 -7.54 -10.32
C ASP A 87 13.67 -7.46 -9.54
N ARG A 88 12.98 -6.34 -9.53
CA ARG A 88 11.74 -6.21 -8.71
C ARG A 88 10.50 -6.01 -9.58
N VAL A 89 9.35 -6.32 -9.00
CA VAL A 89 8.01 -6.06 -9.58
C VAL A 89 7.14 -5.50 -8.46
N ILE A 90 6.29 -4.53 -8.78
CA ILE A 90 5.24 -4.03 -7.86
C ILE A 90 3.86 -4.15 -8.53
N LEU A 91 2.89 -4.69 -7.78
CA LEU A 91 1.45 -4.77 -8.16
C LEU A 91 0.58 -4.00 -7.17
N ARG A 92 -0.30 -3.13 -7.69
CA ARG A 92 -1.37 -2.46 -6.91
C ARG A 92 -2.65 -3.21 -7.26
N ILE A 93 -3.28 -3.81 -6.24
CA ILE A 93 -4.34 -4.84 -6.38
C ILE A 93 -5.54 -4.46 -5.48
N THR A 94 -6.75 -4.53 -6.05
CA THR A 94 -8.02 -4.46 -5.31
C THR A 94 -8.57 -5.87 -5.12
N ILE A 95 -8.84 -6.23 -3.88
CA ILE A 95 -9.46 -7.52 -3.51
C ILE A 95 -10.93 -7.30 -3.20
N THR A 96 -11.78 -8.18 -3.70
CA THR A 96 -13.24 -8.19 -3.45
C THR A 96 -13.62 -9.60 -3.04
N ALA A 97 -14.63 -9.75 -2.19
CA ALA A 97 -15.08 -11.05 -1.72
C ALA A 97 -16.44 -10.93 -1.02
N THR A 98 -16.96 -12.08 -0.66
CA THR A 98 -18.10 -12.19 0.26
C THR A 98 -17.61 -12.80 1.57
N HIS A 99 -18.11 -12.29 2.69
CA HIS A 99 -17.83 -12.78 4.05
C HIS A 99 -18.67 -14.04 4.36
N LYS A 100 -18.21 -15.22 3.93
CA LYS A 100 -18.92 -16.52 4.00
C LYS A 100 -18.33 -17.43 5.08
N GLY A 101 -17.08 -17.22 5.48
CA GLY A 101 -16.44 -17.96 6.59
C GLY A 101 -16.24 -17.06 7.79
N ARG A 102 -16.05 -17.63 8.97
CA ARG A 102 -15.79 -16.89 10.23
C ARG A 102 -14.55 -16.01 10.02
N PHE A 103 -14.58 -14.80 10.53
CA PHE A 103 -13.46 -13.84 10.42
C PHE A 103 -13.09 -13.30 11.81
N GLY A 104 -11.95 -13.78 12.33
CA GLY A 104 -11.47 -13.48 13.69
C GLY A 104 -12.62 -13.55 14.68
N ASP A 105 -12.93 -12.41 15.30
CA ASP A 105 -14.02 -12.26 16.31
C ASP A 105 -15.39 -12.60 15.70
N LEU A 106 -15.57 -12.47 14.37
CA LEU A 106 -16.91 -12.32 13.73
C LEU A 106 -17.33 -13.57 12.94
N ALA A 107 -18.61 -13.90 13.01
CA ALA A 107 -19.31 -14.97 12.26
C ALA A 107 -19.82 -14.46 10.91
N PRO A 108 -20.02 -15.35 9.92
CA PRO A 108 -20.34 -14.95 8.55
C PRO A 108 -21.51 -13.95 8.51
N THR A 109 -21.35 -12.83 7.79
CA THR A 109 -22.37 -11.77 7.57
C THR A 109 -22.90 -11.84 6.13
N ASN A 110 -22.24 -12.63 5.26
CA ASN A 110 -22.45 -12.70 3.79
C ASN A 110 -22.45 -11.30 3.16
N ARG A 111 -21.75 -10.33 3.77
CA ARG A 111 -21.60 -8.96 3.20
C ARG A 111 -20.50 -8.95 2.14
N LYS A 112 -20.68 -8.21 1.05
CA LYS A 112 -19.62 -8.01 0.04
C LYS A 112 -18.60 -7.04 0.62
N VAL A 113 -17.32 -7.37 0.51
CA VAL A 113 -16.22 -6.51 1.05
C VAL A 113 -15.19 -6.26 -0.04
N ALA A 114 -14.45 -5.15 0.09
CA ALA A 114 -13.32 -4.80 -0.79
C ALA A 114 -12.20 -4.22 0.07
N TRP A 115 -10.95 -4.57 -0.23
CA TRP A 115 -9.81 -3.85 0.39
C TRP A 115 -8.68 -3.82 -0.63
N HIS A 116 -7.53 -3.29 -0.25
CA HIS A 116 -6.50 -2.85 -1.21
C HIS A 116 -5.12 -3.26 -0.67
N ILE A 117 -4.27 -3.77 -1.56
CA ILE A 117 -2.91 -4.27 -1.22
C ILE A 117 -1.93 -3.81 -2.30
N VAL A 118 -0.71 -3.49 -1.88
CA VAL A 118 0.46 -3.40 -2.77
C VAL A 118 1.44 -4.49 -2.37
N GLU A 119 1.88 -5.26 -3.36
CA GLU A 119 2.87 -6.33 -3.20
C GLU A 119 4.12 -5.92 -3.99
N GLU A 120 5.28 -5.99 -3.35
CA GLU A 120 6.58 -5.76 -3.99
C GLU A 120 7.35 -7.07 -3.89
N LEU A 121 7.89 -7.53 -5.00
CA LEU A 121 8.56 -8.85 -5.10
C LEU A 121 9.95 -8.63 -5.71
N ARG A 122 10.93 -9.34 -5.17
CA ARG A 122 12.30 -9.34 -5.68
C ARG A 122 12.57 -10.76 -6.19
N PHE A 123 13.04 -10.88 -7.43
CA PHE A 123 13.31 -12.20 -8.06
C PHE A 123 14.82 -12.38 -8.32
N VAL A 124 15.32 -13.58 -8.04
CA VAL A 124 16.64 -14.05 -8.50
C VAL A 124 16.42 -15.36 -9.27
N ASP A 125 16.82 -15.38 -10.53
CA ASP A 125 16.72 -16.56 -11.44
C ASP A 125 15.27 -17.08 -11.41
N GLY A 126 14.27 -16.19 -11.50
CA GLY A 126 12.86 -16.58 -11.66
C GLY A 126 12.20 -17.03 -10.37
N LYS A 127 12.83 -16.87 -9.20
CA LYS A 127 12.25 -17.25 -7.88
C LYS A 127 12.14 -16.02 -6.99
N VAL A 128 11.04 -15.90 -6.23
CA VAL A 128 10.85 -14.79 -5.25
C VAL A 128 11.76 -15.04 -4.05
N VAL A 129 12.70 -14.15 -3.81
CA VAL A 129 13.64 -14.25 -2.65
C VAL A 129 13.20 -13.26 -1.56
N GLU A 130 12.55 -12.16 -1.91
CA GLU A 130 12.03 -11.15 -0.93
C GLU A 130 10.62 -10.67 -1.34
N HIS A 131 9.74 -10.47 -0.38
CA HIS A 131 8.32 -10.07 -0.59
C HIS A 131 7.92 -9.07 0.49
N TRP A 132 7.50 -7.86 0.10
CA TRP A 132 6.92 -6.82 1.01
C TRP A 132 5.46 -6.57 0.61
N ASP A 133 4.59 -6.38 1.60
CA ASP A 133 3.16 -6.09 1.37
C ASP A 133 2.82 -4.83 2.18
N VAL A 134 1.92 -4.02 1.65
CA VAL A 134 1.25 -2.92 2.38
C VAL A 134 -0.23 -3.09 2.10
N MET A 135 -0.97 -3.41 3.14
CA MET A 135 -2.38 -3.81 3.03
C MET A 135 -3.20 -2.78 3.78
N ASN A 136 -4.18 -2.20 3.10
CA ASN A 136 -5.23 -1.37 3.71
C ASN A 136 -6.50 -2.21 3.77
N TYR A 137 -6.79 -2.87 4.90
CA TYR A 137 -8.06 -3.62 5.04
C TYR A 137 -9.05 -2.82 5.93
N LEU A 138 -8.77 -1.55 6.20
CA LEU A 138 -9.70 -0.65 6.94
C LEU A 138 -11.09 -0.66 6.27
N PRO A 139 -11.23 -0.53 4.92
CA PRO A 139 -12.55 -0.56 4.30
C PRO A 139 -13.36 -1.83 4.64
N MET A 140 -12.70 -2.98 4.60
CA MET A 140 -13.35 -4.28 4.94
C MET A 140 -13.76 -4.29 6.44
N LEU A 141 -12.95 -3.74 7.33
CA LEU A 141 -13.26 -3.74 8.79
C LEU A 141 -14.51 -2.90 9.06
N LYS A 142 -14.59 -1.72 8.41
CA LYS A 142 -15.75 -0.81 8.45
C LYS A 142 -16.99 -1.56 7.98
N GLU A 143 -16.91 -2.26 6.86
CA GLU A 143 -18.08 -2.99 6.28
C GLU A 143 -18.56 -4.05 7.26
N LEU A 144 -17.64 -4.72 7.97
CA LEU A 144 -18.00 -5.78 8.93
C LEU A 144 -18.25 -5.19 10.34
N GLY A 145 -18.26 -3.85 10.47
CA GLY A 145 -18.45 -3.10 11.73
C GLY A 145 -17.46 -3.47 12.83
N LYS A 146 -16.20 -3.74 12.52
CA LYS A 146 -15.19 -4.08 13.55
C LYS A 146 -14.52 -2.80 14.05
N VAL A 147 -14.77 -1.67 13.38
CA VAL A 147 -14.20 -0.33 13.70
C VAL A 147 -15.28 0.69 13.37
N PRO A 148 -15.28 1.86 14.05
CA PRO A 148 -16.23 2.93 13.73
C PRO A 148 -16.25 3.26 12.22
N ALA A 149 -17.40 3.65 11.69
CA ALA A 149 -17.60 3.99 10.26
C ALA A 149 -16.78 5.24 9.92
N ASP A 150 -16.47 6.08 10.91
CA ASP A 150 -15.90 7.44 10.72
C ASP A 150 -14.36 7.43 10.84
N VAL A 151 -13.76 6.34 11.33
CA VAL A 151 -12.32 6.31 11.74
C VAL A 151 -11.42 6.44 10.49
N ASP B 13 14.58 7.94 -22.06
CA ASP B 13 13.80 6.95 -21.23
C ASP B 13 14.50 6.76 -19.88
N ASP B 14 15.70 6.17 -19.84
CA ASP B 14 16.53 6.09 -18.61
C ASP B 14 16.57 7.48 -17.97
N ARG B 15 16.82 8.50 -18.77
CA ARG B 15 16.76 9.91 -18.35
C ARG B 15 15.39 10.19 -17.72
N THR B 16 14.31 9.74 -18.37
CA THR B 16 12.91 9.99 -17.91
C THR B 16 12.71 9.38 -16.51
N LEU B 17 13.03 8.11 -16.35
CA LEU B 17 12.92 7.36 -15.07
C LEU B 17 13.67 8.12 -13.96
N ALA B 18 14.92 8.51 -14.23
CA ALA B 18 15.80 9.15 -13.23
C ALA B 18 15.21 10.49 -12.80
N GLU B 19 14.72 11.29 -13.74
CA GLU B 19 14.23 12.67 -13.44
C GLU B 19 12.89 12.58 -12.70
N ASN B 20 12.03 11.66 -13.11
CA ASN B 20 10.76 11.43 -12.38
C ASN B 20 11.08 11.00 -10.95
N LYS B 21 12.03 10.10 -10.75
CA LYS B 21 12.42 9.67 -9.39
C LYS B 21 12.93 10.86 -8.57
N GLU B 22 13.70 11.75 -9.19
CA GLU B 22 14.32 12.93 -8.52
C GLU B 22 13.19 13.87 -8.08
N ARG B 23 12.16 14.01 -8.91
CA ARG B 23 10.95 14.83 -8.58
C ARG B 23 10.25 14.27 -7.33
N CYS B 24 10.05 12.96 -7.27
CA CYS B 24 9.42 12.29 -6.12
C CYS B 24 10.25 12.55 -4.86
N LEU B 25 11.57 12.48 -5.00
CA LEU B 25 12.51 12.68 -3.86
C LEU B 25 12.50 14.16 -3.42
N GLN B 26 12.29 15.12 -4.32
CA GLN B 26 12.03 16.52 -3.90
C GLN B 26 10.73 16.60 -3.10
N MET B 27 9.69 15.89 -3.53
CA MET B 27 8.36 15.95 -2.89
C MET B 27 8.46 15.35 -1.49
N VAL B 28 9.19 14.24 -1.34
CA VAL B 28 9.49 13.64 -0.01
C VAL B 28 10.22 14.66 0.87
N ALA B 29 11.27 15.30 0.37
CA ALA B 29 12.04 16.32 1.11
C ALA B 29 11.11 17.45 1.57
N ALA B 30 10.17 17.86 0.72
CA ALA B 30 9.16 18.88 1.06
C ALA B 30 8.28 18.39 2.23
N TRP B 31 7.76 17.16 2.19
CA TRP B 31 6.98 16.61 3.33
C TRP B 31 7.84 16.68 4.59
N ASN B 32 9.09 16.28 4.46
CA ASN B 32 10.04 16.13 5.62
C ASN B 32 10.40 17.51 6.22
N ARG B 33 10.27 18.60 5.44
CA ARG B 33 10.42 20.00 5.92
C ARG B 33 9.05 20.57 6.27
N TRP B 34 7.97 19.82 6.08
CA TRP B 34 6.57 20.17 6.42
C TRP B 34 6.09 21.36 5.59
N GLU B 35 6.43 21.44 4.30
CA GLU B 35 5.96 22.54 3.41
C GLU B 35 5.26 21.97 2.17
N LEU B 36 3.92 21.99 2.19
CA LEU B 36 3.05 21.28 1.22
C LEU B 36 3.21 21.93 -0.16
N ASP B 37 3.72 23.19 -0.20
CA ASP B 37 4.05 23.99 -1.40
C ASP B 37 5.06 23.23 -2.26
N GLY B 38 6.11 22.71 -1.62
CA GLY B 38 7.15 21.93 -2.30
C GLY B 38 6.55 20.68 -2.92
N ILE B 39 5.37 20.24 -2.44
CA ILE B 39 4.67 19.05 -3.00
C ILE B 39 3.76 19.49 -4.14
N ILE B 40 2.82 20.38 -3.82
CA ILE B 40 1.73 20.85 -4.71
C ILE B 40 2.28 21.53 -5.97
N LYS B 41 3.45 22.17 -5.91
CA LYS B 41 4.01 22.81 -7.12
C LYS B 41 4.23 21.75 -8.21
N TYR B 42 4.45 20.48 -7.87
CA TYR B 42 4.70 19.42 -8.90
C TYR B 42 3.39 18.90 -9.48
N TRP B 43 2.22 19.27 -8.92
CA TRP B 43 0.92 18.75 -9.42
C TRP B 43 0.50 19.56 -10.62
N ALA B 44 -0.03 18.87 -11.65
CA ALA B 44 -0.76 19.53 -12.75
C ALA B 44 -2.00 20.19 -12.17
N PRO B 45 -2.41 21.34 -12.74
CA PRO B 45 -3.63 22.02 -12.33
C PRO B 45 -4.89 21.14 -12.27
N ASP B 46 -5.01 20.18 -13.17
CA ASP B 46 -6.12 19.17 -13.23
C ASP B 46 -5.61 17.77 -12.81
N VAL B 47 -4.63 17.71 -11.92
CA VAL B 47 -4.18 16.44 -11.29
C VAL B 47 -5.42 15.70 -10.80
N VAL B 48 -5.44 14.38 -10.93
CA VAL B 48 -6.49 13.52 -10.32
C VAL B 48 -5.87 12.67 -9.20
N HIS B 49 -6.49 12.72 -8.02
CA HIS B 49 -6.07 11.93 -6.83
C HIS B 49 -7.04 10.75 -6.68
N TYR B 50 -6.51 9.54 -6.53
CA TYR B 50 -7.32 8.31 -6.29
C TYR B 50 -6.91 7.72 -4.96
N SER B 51 -7.90 7.36 -4.15
CA SER B 51 -7.73 6.61 -2.89
C SER B 51 -8.89 5.61 -2.74
N GLU B 52 -8.58 4.34 -2.49
CA GLU B 52 -9.58 3.25 -2.32
C GLU B 52 -10.38 3.11 -3.62
N ASP B 53 -9.73 3.29 -4.76
CA ASP B 53 -10.37 3.19 -6.10
C ASP B 53 -11.53 4.20 -6.18
N LYS B 54 -11.43 5.38 -5.55
CA LYS B 54 -12.37 6.51 -5.73
C LYS B 54 -11.58 7.81 -5.98
N VAL B 55 -12.13 8.74 -6.77
CA VAL B 55 -11.51 10.09 -6.94
C VAL B 55 -11.57 10.81 -5.59
N VAL B 56 -10.49 11.48 -5.18
CA VAL B 56 -10.46 12.44 -4.03
C VAL B 56 -10.27 13.85 -4.60
N ASP B 57 -11.26 14.73 -4.36
CA ASP B 57 -11.19 16.14 -4.80
C ASP B 57 -9.91 16.71 -4.21
N THR B 58 -9.23 17.57 -4.98
CA THR B 58 -7.87 18.11 -4.72
C THR B 58 -7.87 18.94 -3.44
N ASP B 59 -8.95 19.71 -3.25
CA ASP B 59 -9.26 20.48 -2.02
C ASP B 59 -9.32 19.53 -0.81
N GLU B 60 -10.10 18.45 -0.90
CA GLU B 60 -10.17 17.39 0.13
C GLU B 60 -8.75 16.85 0.39
N MET B 61 -7.99 16.61 -0.67
CA MET B 61 -6.64 15.99 -0.58
C MET B 61 -5.73 16.95 0.20
N ILE B 62 -5.79 18.25 -0.08
CA ILE B 62 -4.88 19.23 0.58
C ILE B 62 -5.27 19.35 2.06
N ARG B 63 -6.56 19.29 2.37
CA ARG B 63 -7.07 19.28 3.77
C ARG B 63 -6.59 18.01 4.49
N ARG B 64 -6.63 16.85 3.88
CA ARG B 64 -6.03 15.64 4.51
C ARG B 64 -4.57 15.93 4.89
N MET B 65 -3.78 16.49 3.96
CA MET B 65 -2.34 16.76 4.15
C MET B 65 -2.12 17.73 5.29
N GLU B 66 -2.86 18.84 5.33
CA GLU B 66 -2.77 19.88 6.38
C GLU B 66 -3.18 19.29 7.74
N GLY B 67 -4.21 18.45 7.73
CA GLY B 67 -4.70 17.72 8.91
C GLY B 67 -3.62 16.83 9.47
N GLY B 68 -2.87 16.15 8.60
CA GLY B 68 -1.81 15.21 9.03
C GLY B 68 -0.65 15.91 9.69
N ILE B 69 -0.11 16.95 9.04
CA ILE B 69 1.00 17.79 9.57
C ILE B 69 0.62 18.35 10.93
N GLN B 70 -0.62 18.83 11.05
CA GLN B 70 -1.12 19.44 12.30
C GLN B 70 -1.08 18.38 13.42
N ALA B 71 -1.56 17.16 13.17
CA ALA B 71 -1.60 16.09 14.19
C ALA B 71 -0.18 15.61 14.52
N PHE B 72 0.68 15.55 13.49
CA PHE B 72 1.99 14.84 13.51
C PHE B 72 3.05 15.80 12.98
N PRO B 73 3.30 16.90 13.72
CA PRO B 73 4.15 18.00 13.24
C PRO B 73 5.63 17.65 13.07
N ASP B 74 6.08 16.52 13.64
CA ASP B 74 7.44 15.98 13.40
C ASP B 74 7.40 14.77 12.44
N LEU B 75 6.42 14.66 11.53
CA LEU B 75 6.36 13.43 10.69
C LEU B 75 7.59 13.35 9.76
N HIS B 76 8.02 12.12 9.44
CA HIS B 76 9.18 11.83 8.58
C HIS B 76 8.83 10.65 7.67
N LEU B 77 9.00 10.88 6.37
CA LEU B 77 8.87 9.88 5.28
C LEU B 77 10.20 9.18 5.08
N ASP B 78 10.25 7.89 5.44
CA ASP B 78 11.40 6.97 5.17
C ASP B 78 11.06 6.16 3.92
N VAL B 79 11.67 6.49 2.78
CA VAL B 79 11.48 5.80 1.48
C VAL B 79 12.20 4.45 1.58
N LYS B 80 11.46 3.36 1.70
CA LYS B 80 12.03 1.99 1.79
C LYS B 80 12.41 1.48 0.40
N SER B 81 11.61 1.80 -0.63
CA SER B 81 11.88 1.44 -2.06
C SER B 81 11.26 2.48 -2.97
N ILE B 82 11.88 2.66 -4.13
CA ILE B 82 11.41 3.55 -5.20
C ILE B 82 11.63 2.80 -6.51
N MET B 83 10.67 2.89 -7.43
CA MET B 83 10.69 2.15 -8.73
C MET B 83 10.08 3.04 -9.82
N ALA B 84 10.64 3.03 -11.04
CA ALA B 84 10.09 3.77 -12.19
C ALA B 84 10.09 2.86 -13.42
N GLU B 85 9.05 3.05 -14.23
CA GLU B 85 8.85 2.41 -15.55
C GLU B 85 7.90 3.33 -16.31
N GLU B 86 8.15 3.51 -17.62
CA GLU B 86 7.43 4.47 -18.50
C GLU B 86 7.28 5.81 -17.79
N ASP B 87 6.05 6.29 -17.53
CA ASP B 87 5.84 7.67 -17.02
C ASP B 87 5.43 7.63 -15.54
N ARG B 88 5.51 6.47 -14.90
CA ARG B 88 5.02 6.30 -13.52
C ARG B 88 6.22 6.11 -12.57
N VAL B 89 6.00 6.42 -11.30
CA VAL B 89 6.94 6.10 -10.20
C VAL B 89 6.13 5.55 -9.04
N ILE B 90 6.71 4.60 -8.30
CA ILE B 90 6.10 3.98 -7.10
C ILE B 90 7.10 4.04 -5.94
N LEU B 91 6.62 4.58 -4.81
CA LEU B 91 7.39 4.66 -3.55
C LEU B 91 6.68 3.86 -2.48
N ARG B 92 7.43 3.00 -1.78
CA ARG B 92 6.96 2.33 -0.54
C ARG B 92 7.58 3.10 0.62
N ILE B 93 6.75 3.65 1.49
CA ILE B 93 7.19 4.63 2.50
C ILE B 93 6.70 4.21 3.87
N THR B 94 7.60 4.28 4.86
CA THR B 94 7.25 4.16 6.29
C THR B 94 7.30 5.57 6.91
N ILE B 95 6.21 5.97 7.56
CA ILE B 95 6.07 7.29 8.22
C ILE B 95 6.20 7.07 9.73
N THR B 96 7.08 7.83 10.37
CA THR B 96 7.23 7.90 11.83
C THR B 96 6.89 9.33 12.29
N ALA B 97 6.33 9.46 13.49
CA ALA B 97 5.92 10.75 14.07
C ALA B 97 5.59 10.61 15.56
N THR B 98 5.36 11.76 16.19
CA THR B 98 4.80 11.88 17.55
C THR B 98 3.43 12.56 17.42
N HIS B 99 2.44 12.08 18.17
CA HIS B 99 1.10 12.69 18.20
C HIS B 99 1.14 13.95 19.09
N LYS B 100 1.52 15.09 18.51
CA LYS B 100 1.70 16.34 19.30
C LYS B 100 0.55 17.31 19.02
N GLY B 101 -0.18 17.16 17.92
CA GLY B 101 -1.31 18.05 17.67
C GLY B 101 -2.60 17.30 17.87
N ARG B 102 -3.70 18.03 17.81
CA ARG B 102 -5.04 17.40 17.75
C ARG B 102 -5.10 16.50 16.52
N PHE B 103 -5.76 15.36 16.67
CA PHE B 103 -6.03 14.43 15.57
C PHE B 103 -7.53 14.24 15.56
N GLY B 104 -8.25 14.96 14.70
CA GLY B 104 -9.71 15.13 14.82
C GLY B 104 -10.03 15.75 16.18
N ASP B 105 -10.93 15.15 16.97
CA ASP B 105 -11.18 15.73 18.32
C ASP B 105 -10.29 15.05 19.36
N LEU B 106 -9.32 14.22 18.94
CA LEU B 106 -8.40 13.59 19.93
C LEU B 106 -7.28 14.57 20.26
N ALA B 107 -7.23 14.99 21.53
CA ALA B 107 -6.16 15.80 22.14
C ALA B 107 -4.84 15.05 22.06
N PRO B 108 -3.72 15.78 21.86
CA PRO B 108 -2.39 15.17 21.75
C PRO B 108 -2.09 14.18 22.87
N THR B 109 -1.60 12.97 22.53
CA THR B 109 -1.18 11.90 23.48
C THR B 109 0.33 11.89 23.63
N ASN B 110 1.03 12.55 22.70
CA ASN B 110 2.51 12.54 22.64
C ASN B 110 3.04 11.11 22.51
N ARG B 111 2.25 10.19 21.96
CA ARG B 111 2.71 8.81 21.66
C ARG B 111 3.46 8.79 20.32
N LYS B 112 4.52 8.01 20.26
CA LYS B 112 5.27 7.66 19.02
C LYS B 112 4.42 6.70 18.18
N VAL B 113 4.27 7.02 16.89
CA VAL B 113 3.40 6.26 15.95
C VAL B 113 4.19 5.96 14.68
N ALA B 114 3.78 4.92 13.96
CA ALA B 114 4.35 4.59 12.64
C ALA B 114 3.28 3.94 11.77
N TRP B 115 3.29 4.26 10.48
CA TRP B 115 2.40 3.60 9.50
C TRP B 115 3.04 3.57 8.10
N HIS B 116 2.37 2.92 7.15
CA HIS B 116 2.96 2.46 5.88
C HIS B 116 2.08 2.91 4.74
N ILE B 117 2.70 3.47 3.71
CA ILE B 117 1.97 3.94 2.51
C ILE B 117 2.76 3.56 1.27
N VAL B 118 2.02 3.35 0.20
CA VAL B 118 2.55 3.27 -1.17
C VAL B 118 1.85 4.33 -1.99
N GLU B 119 2.65 5.16 -2.65
CA GLU B 119 2.16 6.20 -3.59
C GLU B 119 2.60 5.86 -5.02
N GLU B 120 1.65 5.84 -5.94
CA GLU B 120 1.91 5.68 -7.38
C GLU B 120 1.62 7.05 -8.03
N LEU B 121 2.58 7.59 -8.76
CA LEU B 121 2.48 8.90 -9.45
C LEU B 121 2.67 8.69 -10.96
N ARG B 122 1.92 9.43 -11.77
CA ARG B 122 2.05 9.44 -13.23
C ARG B 122 2.50 10.85 -13.62
N PHE B 123 3.58 10.96 -14.38
CA PHE B 123 4.12 12.29 -14.79
C PHE B 123 3.88 12.49 -16.30
N VAL B 124 3.47 13.69 -16.67
CA VAL B 124 3.60 14.21 -18.07
C VAL B 124 4.37 15.53 -17.98
N ASP B 125 5.54 15.61 -18.63
CA ASP B 125 6.37 16.85 -18.73
C ASP B 125 6.69 17.35 -17.31
N GLY B 126 7.14 16.44 -16.45
CA GLY B 126 7.53 16.70 -15.05
C GLY B 126 6.41 17.16 -14.14
N LYS B 127 5.15 17.11 -14.60
CA LYS B 127 3.97 17.37 -13.72
C LYS B 127 3.29 16.05 -13.37
N VAL B 128 2.80 15.95 -12.12
CA VAL B 128 1.94 14.82 -11.64
C VAL B 128 0.54 15.04 -12.21
N VAL B 129 0.09 14.17 -13.13
CA VAL B 129 -1.30 14.23 -13.68
C VAL B 129 -2.25 13.26 -12.96
N GLU B 130 -1.70 12.20 -12.36
CA GLU B 130 -2.51 11.19 -11.65
C GLU B 130 -1.70 10.68 -10.47
N HIS B 131 -2.39 10.42 -9.37
CA HIS B 131 -1.77 10.01 -8.09
C HIS B 131 -2.68 8.97 -7.45
N TRP B 132 -2.17 7.78 -7.17
CA TRP B 132 -2.91 6.70 -6.46
C TRP B 132 -2.20 6.39 -5.15
N ASP B 133 -2.94 6.15 -4.08
CA ASP B 133 -2.32 5.80 -2.78
C ASP B 133 -2.99 4.55 -2.23
N VAL B 134 -2.19 3.78 -1.50
CA VAL B 134 -2.63 2.67 -0.61
C VAL B 134 -1.96 2.95 0.74
N MET B 135 -2.77 3.32 1.74
CA MET B 135 -2.29 3.74 3.07
C MET B 135 -2.80 2.74 4.11
N ASN B 136 -1.86 2.10 4.80
CA ASN B 136 -2.14 1.28 6.00
C ASN B 136 -1.89 2.15 7.24
N TYR B 137 -2.90 2.87 7.74
CA TYR B 137 -2.73 3.69 8.97
C TYR B 137 -3.27 2.95 10.21
N LEU B 138 -3.60 1.68 10.08
CA LEU B 138 -4.12 0.84 11.19
C LEU B 138 -3.15 0.89 12.39
N PRO B 139 -1.83 0.66 12.22
CA PRO B 139 -0.90 0.67 13.35
C PRO B 139 -0.94 1.97 14.18
N MET B 140 -1.20 3.10 13.50
CA MET B 140 -1.31 4.44 14.12
C MET B 140 -2.68 4.57 14.84
N LEU B 141 -3.77 4.18 14.19
CA LEU B 141 -5.10 4.16 14.82
C LEU B 141 -5.07 3.30 16.10
N LYS B 142 -4.51 2.09 16.05
CA LYS B 142 -4.34 1.22 17.26
C LYS B 142 -3.58 1.97 18.38
N GLU B 143 -2.41 2.53 18.07
CA GLU B 143 -1.57 3.19 19.10
C GLU B 143 -2.31 4.36 19.76
N LEU B 144 -3.22 5.02 19.03
CA LEU B 144 -3.97 6.20 19.51
C LEU B 144 -5.30 5.78 20.15
N GLY B 145 -5.60 4.48 20.22
CA GLY B 145 -6.87 3.99 20.77
C GLY B 145 -8.07 4.32 19.92
N LYS B 146 -7.94 4.59 18.63
CA LYS B 146 -9.08 4.91 17.73
C LYS B 146 -9.72 3.62 17.22
N VAL B 147 -9.04 2.48 17.35
CA VAL B 147 -9.60 1.14 16.98
C VAL B 147 -9.15 0.13 18.03
N PRO B 148 -9.83 -1.04 18.16
CA PRO B 148 -9.41 -2.09 19.09
C PRO B 148 -8.04 -2.66 18.70
N ALA B 149 -7.29 -3.12 19.69
CA ALA B 149 -5.88 -3.53 19.49
C ALA B 149 -5.80 -4.82 18.66
N ASP B 150 -6.87 -5.64 18.54
CA ASP B 150 -6.79 -6.98 17.90
C ASP B 150 -7.30 -7.00 16.45
N VAL B 151 -7.82 -5.91 15.90
CA VAL B 151 -8.39 -5.94 14.52
C VAL B 151 -7.24 -6.17 13.52
#